data_3WUR
#
_entry.id   3WUR
#
_cell.length_a   67.100
_cell.length_b   67.100
_cell.length_c   176.910
_cell.angle_alpha   90.00
_cell.angle_beta   90.00
_cell.angle_gamma   90.00
#
_symmetry.space_group_name_H-M   'P 41 21 2'
#
loop_
_entity.id
_entity.type
_entity.pdbx_description
1 polymer 'Uncharacterized protein'
2 non-polymer 1,4,7,10,13,16-HEXAOXACYCLOOCTADECANE
3 non-polymer 1,2-ETHANEDIOL
4 non-polymer 'SULFATE ION'
5 non-polymer 'L(+)-TARTARIC ACID'
6 water water
#
_entity_poly.entity_id   1
_entity_poly.type   'polypeptide(L)'
_entity_poly.pdbx_seq_one_letter_code
;HHHHHHMTALTLPEDIRQQEPSALLYTLVSAYLEHTAQTGDESLSCLSDDQHTLTAFCYLDSQVEEGGFVQLIASGYGEY
IFRNPLADSLRRWKIKAVPKVLDKAKALYEQHGKTIETLADGGADIPSLRKQFPEFEEWDGAYYEAAEQDLPLLAEHIQS
NWETFAHIGQA
;
_entity_poly.pdbx_strand_id   A,B
#
loop_
_chem_comp.id
_chem_comp.type
_chem_comp.name
_chem_comp.formula
EDO non-polymer 1,2-ETHANEDIOL 'C2 H6 O2'
O4B non-polymer 1,4,7,10,13,16-HEXAOXACYCLOOCTADECANE 'C12 H24 O6'
SO4 non-polymer 'SULFATE ION' 'O4 S -2'
TLA non-polymer 'L(+)-TARTARIC ACID' 'C4 H6 O6'
#
# COMPACT_ATOMS: atom_id res chain seq x y z
N ALA A 9 -4.66 -4.25 21.54
CA ALA A 9 -4.58 -4.13 20.03
C ALA A 9 -3.25 -4.56 19.44
N LEU A 10 -2.15 -4.17 20.10
CA LEU A 10 -0.82 -4.34 19.59
C LEU A 10 -0.03 -5.36 20.38
N THR A 11 0.65 -6.21 19.66
CA THR A 11 1.47 -7.26 20.23
C THR A 11 2.89 -6.84 20.07
N LEU A 12 3.57 -6.46 21.17
CA LEU A 12 4.97 -5.98 21.09
C LEU A 12 5.83 -6.85 22.01
N PRO A 13 7.07 -7.06 21.63
CA PRO A 13 7.94 -7.80 22.55
C PRO A 13 8.11 -7.01 23.84
N GLU A 14 8.30 -7.78 24.91
CA GLU A 14 8.60 -7.20 26.22
C GLU A 14 9.73 -6.20 26.18
N ASP A 15 10.83 -6.50 25.46
CA ASP A 15 12.00 -5.67 25.41
C ASP A 15 12.07 -4.75 24.20
N ILE A 16 10.87 -4.41 23.66
CA ILE A 16 10.83 -3.50 22.54
C ILE A 16 11.63 -2.20 22.63
N ARG A 17 11.60 -1.60 23.82
CA ARG A 17 12.24 -0.33 23.91
C ARG A 17 13.78 -0.40 24.00
N GLN A 18 14.34 -1.60 24.03
CA GLN A 18 15.78 -1.79 23.88
C GLN A 18 16.21 -2.02 22.47
N GLN A 19 15.27 -2.01 21.51
CA GLN A 19 15.72 -2.16 20.11
C GLN A 19 16.42 -0.94 19.56
N GLU A 20 17.37 -1.26 18.63
CA GLU A 20 18.08 -0.30 17.77
C GLU A 20 17.11 0.34 16.77
N PRO A 21 17.46 1.48 16.21
CA PRO A 21 16.47 2.34 15.65
C PRO A 21 15.69 1.67 14.50
N SER A 22 16.33 0.92 13.59
CA SER A 22 15.52 0.36 12.49
C SER A 22 14.65 -0.71 13.03
N ALA A 23 15.12 -1.67 13.87
CA ALA A 23 14.33 -2.73 14.40
C ALA A 23 13.13 -2.12 15.14
N LEU A 24 13.38 -1.10 15.91
CA LEU A 24 12.21 -0.47 16.68
C LEU A 24 11.16 -0.06 15.72
N LEU A 25 11.49 0.70 14.73
CA LEU A 25 10.51 1.24 13.78
C LEU A 25 9.79 0.05 13.15
N TYR A 26 10.46 -0.93 12.61
CA TYR A 26 9.85 -2.06 11.97
C TYR A 26 8.99 -2.85 12.88
N THR A 27 9.38 -3.02 14.16
CA THR A 27 8.56 -3.81 15.05
C THR A 27 7.27 -3.03 15.36
N LEU A 28 7.34 -1.75 15.62
CA LEU A 28 6.13 -0.96 15.85
C LEU A 28 5.21 -1.04 14.67
N VAL A 29 5.67 -0.77 13.48
CA VAL A 29 4.83 -0.77 12.29
C VAL A 29 4.28 -2.15 12.05
N SER A 30 5.03 -3.21 12.16
CA SER A 30 4.49 -4.56 12.06
C SER A 30 3.36 -4.78 13.05
N ALA A 31 3.44 -4.33 14.25
CA ALA A 31 2.36 -4.50 15.22
C ALA A 31 1.11 -3.72 14.76
N TYR A 32 1.30 -2.51 14.22
CA TYR A 32 0.16 -1.78 13.67
C TYR A 32 -0.53 -2.62 12.62
N LEU A 33 0.24 -3.13 11.70
CA LEU A 33 -0.27 -3.90 10.57
C LEU A 33 -0.84 -5.20 10.92
N GLU A 34 -0.29 -5.85 11.92
CA GLU A 34 -0.92 -7.08 12.42
C GLU A 34 -2.31 -6.81 12.97
N HIS A 35 -2.42 -5.74 13.74
CA HIS A 35 -3.70 -5.32 14.30
C HIS A 35 -4.69 -5.03 13.19
N THR A 36 -4.33 -4.18 12.24
CA THR A 36 -5.24 -3.81 11.17
C THR A 36 -5.57 -4.95 10.28
N ALA A 37 -4.69 -5.88 10.05
CA ALA A 37 -5.06 -7.10 9.34
C ALA A 37 -6.10 -7.90 10.05
N GLN A 38 -5.95 -8.02 11.35
CA GLN A 38 -6.90 -8.76 12.21
C GLN A 38 -8.23 -8.10 12.21
N THR A 39 -8.36 -6.80 12.13
CA THR A 39 -9.66 -6.13 12.19
C THR A 39 -10.23 -5.79 10.88
N GLY A 40 -9.48 -6.00 9.78
CA GLY A 40 -9.96 -5.58 8.52
C GLY A 40 -9.93 -4.12 8.22
N ASP A 41 -9.14 -3.36 9.01
CA ASP A 41 -9.01 -1.97 8.90
C ASP A 41 -7.95 -1.58 7.84
N GLU A 42 -8.30 -1.82 6.60
CA GLU A 42 -7.34 -1.62 5.52
C GLU A 42 -6.99 -0.17 5.30
N SER A 43 -7.89 0.77 5.66
CA SER A 43 -7.62 2.17 5.58
C SER A 43 -6.76 2.68 6.70
N LEU A 44 -6.40 1.80 7.69
CA LEU A 44 -5.54 2.22 8.84
C LEU A 44 -6.18 3.40 9.60
N SER A 45 -7.51 3.32 9.71
CA SER A 45 -8.25 4.35 10.40
C SER A 45 -7.90 4.47 11.90
N CYS A 46 -7.45 3.35 12.50
CA CYS A 46 -7.13 3.37 13.93
C CYS A 46 -5.84 4.02 14.22
N LEU A 47 -5.01 4.30 13.21
CA LEU A 47 -3.73 4.90 13.46
C LEU A 47 -3.79 6.42 13.56
N SER A 48 -3.06 6.98 14.46
CA SER A 48 -2.93 8.42 14.54
C SER A 48 -2.10 8.96 13.36
N ASP A 49 -2.09 10.26 13.13
CA ASP A 49 -1.25 10.86 12.15
C ASP A 49 0.21 10.49 12.41
N ASP A 50 0.67 10.44 13.63
CA ASP A 50 2.03 10.18 13.99
C ASP A 50 2.37 8.73 13.67
N GLN A 51 1.42 7.78 13.88
CA GLN A 51 1.62 6.38 13.53
C GLN A 51 1.61 6.24 12.01
N HIS A 52 0.86 7.03 11.30
CA HIS A 52 0.91 7.03 9.83
C HIS A 52 2.28 7.54 9.34
N THR A 53 2.89 8.50 9.99
CA THR A 53 4.22 8.97 9.64
C THR A 53 5.19 7.82 9.82
N LEU A 54 5.17 7.07 10.91
CA LEU A 54 6.05 5.95 11.11
C LEU A 54 5.83 4.93 10.01
N THR A 55 4.60 4.60 9.70
CA THR A 55 4.31 3.52 8.78
C THR A 55 4.85 3.90 7.39
N ALA A 56 4.67 5.14 6.97
CA ALA A 56 5.13 5.58 5.66
C ALA A 56 6.65 5.58 5.67
N PHE A 57 7.33 6.04 6.72
CA PHE A 57 8.76 6.02 6.72
C PHE A 57 9.22 4.61 6.62
N CYS A 58 8.63 3.64 7.31
CA CYS A 58 9.01 2.30 7.22
C CYS A 58 8.96 1.73 5.81
N TYR A 59 7.84 1.99 5.12
CA TYR A 59 7.68 1.54 3.77
C TYR A 59 8.70 2.22 2.81
N LEU A 60 8.96 3.49 2.97
CA LEU A 60 10.04 4.16 2.26
C LEU A 60 11.29 3.41 2.45
N ASP A 61 11.67 3.14 3.72
CA ASP A 61 12.95 2.56 4.01
C ASP A 61 13.01 1.18 3.49
N SER A 62 12.02 0.35 3.60
CA SER A 62 12.07 -1.03 3.13
C SER A 62 12.21 -1.12 1.68
N GLN A 63 11.48 -0.33 0.95
CA GLN A 63 11.57 -0.41 -0.50
C GLN A 63 12.85 0.10 -1.02
N VAL A 64 13.36 1.18 -0.54
CA VAL A 64 14.65 1.72 -0.97
C VAL A 64 15.81 0.84 -0.57
N GLU A 65 15.80 0.31 0.63
CA GLU A 65 16.86 -0.60 0.98
C GLU A 65 16.87 -1.82 0.16
N GLU A 66 15.73 -2.39 -0.18
CA GLU A 66 15.61 -3.65 -0.97
C GLU A 66 15.99 -3.43 -2.42
N GLY A 67 15.56 -2.33 -3.01
CA GLY A 67 15.63 -2.21 -4.46
C GLY A 67 15.68 -0.78 -4.91
N GLY A 68 16.00 0.19 -4.12
CA GLY A 68 16.09 1.58 -4.54
C GLY A 68 14.74 2.25 -4.73
N PHE A 69 14.81 3.52 -4.98
CA PHE A 69 13.67 4.25 -5.42
C PHE A 69 12.94 3.60 -6.60
N VAL A 70 13.70 2.98 -7.50
CA VAL A 70 13.07 2.31 -8.62
C VAL A 70 12.13 1.22 -8.18
N GLN A 71 12.50 0.41 -7.14
CA GLN A 71 11.56 -0.58 -6.65
C GLN A 71 10.33 0.09 -6.04
N LEU A 72 10.56 1.11 -5.26
CA LEU A 72 9.44 1.85 -4.63
C LEU A 72 8.39 2.23 -5.70
N ILE A 73 8.94 2.79 -6.79
CA ILE A 73 8.10 3.28 -7.93
C ILE A 73 7.48 2.15 -8.63
N ALA A 74 8.23 1.14 -9.03
CA ALA A 74 7.70 0.02 -9.77
C ALA A 74 6.58 -0.70 -9.08
N SER A 75 6.75 -0.89 -7.76
CA SER A 75 5.76 -1.64 -6.98
C SER A 75 4.52 -0.80 -6.74
N GLY A 76 4.49 0.48 -7.00
CA GLY A 76 3.30 1.26 -6.87
C GLY A 76 3.14 2.14 -5.70
N TYR A 77 4.20 2.47 -5.01
CA TYR A 77 4.15 3.31 -3.82
C TYR A 77 4.25 4.76 -4.06
N GLY A 78 4.42 5.24 -5.30
CA GLY A 78 4.76 6.59 -5.56
C GLY A 78 3.75 7.63 -5.00
N GLU A 79 2.44 7.34 -5.16
CA GLU A 79 1.46 8.32 -4.65
C GLU A 79 1.17 8.13 -3.21
N TYR A 80 1.85 7.26 -2.52
CA TYR A 80 1.76 7.13 -1.06
C TYR A 80 2.94 7.83 -0.44
N ILE A 81 4.15 7.59 -0.94
CA ILE A 81 5.39 8.13 -0.39
C ILE A 81 5.75 9.56 -0.84
N PHE A 82 5.52 9.82 -2.13
CA PHE A 82 5.83 11.17 -2.67
C PHE A 82 4.66 12.13 -2.53
N ARG A 83 4.34 12.37 -1.27
CA ARG A 83 3.25 13.25 -0.86
C ARG A 83 3.72 14.09 0.26
N ASN A 84 3.18 15.33 0.42
CA ASN A 84 3.73 16.23 1.42
C ASN A 84 3.56 15.73 2.87
N PRO A 85 2.49 15.03 3.21
CA PRO A 85 2.39 14.73 4.66
C PRO A 85 3.61 13.99 5.27
N LEU A 86 4.21 13.05 4.54
CA LEU A 86 5.37 12.38 5.13
C LEU A 86 6.50 13.39 5.39
N ALA A 87 6.89 14.09 4.32
CA ALA A 87 8.00 14.98 4.51
C ALA A 87 7.73 16.11 5.49
N ASP A 88 6.54 16.64 5.47
CA ASP A 88 6.17 17.71 6.38
C ASP A 88 6.14 17.27 7.82
N SER A 89 5.62 16.05 8.06
CA SER A 89 5.55 15.52 9.43
C SER A 89 6.93 15.31 9.97
N LEU A 90 7.88 14.76 9.21
CA LEU A 90 9.21 14.56 9.62
C LEU A 90 9.84 15.89 9.98
N ARG A 91 9.61 16.90 9.16
CA ARG A 91 10.29 18.17 9.38
C ARG A 91 9.77 18.79 10.68
N ARG A 92 8.53 18.54 11.03
CA ARG A 92 8.01 19.03 12.39
C ARG A 92 8.80 18.43 13.50
N TRP A 93 9.26 17.20 13.33
CA TRP A 93 10.07 16.49 14.31
C TRP A 93 11.58 16.82 14.24
N LYS A 94 11.92 17.79 13.39
CA LYS A 94 13.26 18.25 13.15
C LYS A 94 14.17 17.24 12.45
N ILE A 95 13.45 16.38 11.65
CA ILE A 95 14.10 15.39 10.81
C ILE A 95 14.03 15.94 9.36
N LYS A 96 15.19 16.28 8.83
CA LYS A 96 15.26 17.10 7.61
C LYS A 96 15.97 16.45 6.46
N ALA A 97 16.84 15.53 6.72
CA ALA A 97 17.72 14.95 5.68
C ALA A 97 16.89 14.01 4.80
N VAL A 98 16.09 13.11 5.35
CA VAL A 98 15.25 12.29 4.54
C VAL A 98 14.28 13.14 3.78
N PRO A 99 13.56 14.09 4.31
CA PRO A 99 12.71 14.99 3.52
C PRO A 99 13.42 15.63 2.31
N LYS A 100 14.64 16.06 2.47
CA LYS A 100 15.34 16.66 1.36
C LYS A 100 15.52 15.64 0.28
N VAL A 101 15.88 14.42 0.56
CA VAL A 101 16.06 13.33 -0.42
C VAL A 101 14.70 13.11 -1.05
N LEU A 102 13.62 13.01 -0.29
CA LEU A 102 12.32 12.78 -0.86
C LEU A 102 12.01 13.82 -1.94
N ASP A 103 12.23 15.07 -1.66
CA ASP A 103 11.86 16.10 -2.62
C ASP A 103 12.70 15.93 -3.90
N LYS A 104 13.94 15.54 -3.81
CA LYS A 104 14.75 15.40 -5.01
C LYS A 104 14.28 14.18 -5.77
N ALA A 105 14.03 13.08 -5.10
CA ALA A 105 13.57 11.86 -5.70
C ALA A 105 12.22 12.01 -6.28
N LYS A 106 11.34 12.81 -5.74
CA LYS A 106 10.02 13.08 -6.29
C LYS A 106 10.15 13.72 -7.68
N ALA A 107 11.08 14.64 -7.81
CA ALA A 107 11.21 15.31 -9.14
C ALA A 107 11.62 14.29 -10.17
N LEU A 108 12.47 13.30 -9.82
CA LEU A 108 12.90 12.25 -10.73
C LEU A 108 11.74 11.30 -11.00
N TYR A 109 10.90 11.00 -10.02
CA TYR A 109 9.67 10.22 -10.19
C TYR A 109 8.74 10.90 -11.19
N GLU A 110 8.59 12.19 -11.07
CA GLU A 110 7.75 12.92 -12.03
C GLU A 110 8.32 12.79 -13.41
N GLN A 111 9.58 12.71 -13.61
CA GLN A 111 10.19 12.55 -14.94
C GLN A 111 10.07 11.14 -15.47
N HIS A 112 10.44 10.12 -14.64
CA HIS A 112 10.70 8.79 -15.07
C HIS A 112 9.70 7.70 -14.61
N GLY A 113 8.85 8.13 -13.68
CA GLY A 113 8.01 7.15 -13.00
C GLY A 113 7.08 6.44 -13.90
N LYS A 114 6.49 7.19 -14.84
CA LYS A 114 5.55 6.59 -15.79
C LYS A 114 6.20 5.47 -16.62
N THR A 115 7.45 5.70 -17.02
CA THR A 115 8.19 4.76 -17.83
C THR A 115 8.60 3.52 -17.01
N ILE A 116 9.10 3.77 -15.81
CA ILE A 116 9.47 2.66 -14.92
C ILE A 116 8.29 1.73 -14.70
N GLU A 117 7.12 2.35 -14.38
CA GLU A 117 5.91 1.60 -14.08
C GLU A 117 5.42 0.78 -15.30
N THR A 118 5.44 1.46 -16.47
CA THR A 118 5.01 0.78 -17.71
C THR A 118 5.87 -0.44 -18.05
N LEU A 119 7.17 -0.18 -17.95
CA LEU A 119 8.09 -1.28 -18.21
C LEU A 119 7.93 -2.43 -17.22
N ALA A 120 7.76 -2.09 -15.94
CA ALA A 120 7.52 -3.14 -14.91
C ALA A 120 6.24 -3.89 -15.27
N ASP A 121 5.19 -3.20 -15.65
CA ASP A 121 3.94 -3.85 -15.97
C ASP A 121 4.11 -4.81 -17.14
N GLY A 122 5.03 -4.53 -18.03
CA GLY A 122 5.31 -5.40 -19.15
C GLY A 122 6.28 -6.51 -18.84
N GLY A 123 6.72 -6.66 -17.59
CA GLY A 123 7.59 -7.76 -17.20
C GLY A 123 9.02 -7.39 -16.97
N ALA A 124 9.47 -6.16 -17.06
CA ALA A 124 10.84 -5.84 -16.79
C ALA A 124 11.13 -6.01 -15.32
N ASP A 125 12.21 -6.70 -15.01
CA ASP A 125 12.55 -6.99 -13.64
C ASP A 125 13.08 -5.77 -12.98
N ILE A 126 12.90 -5.62 -11.66
CA ILE A 126 13.16 -4.42 -10.94
C ILE A 126 14.70 -4.20 -10.90
N PRO A 127 15.55 -5.23 -10.68
CA PRO A 127 16.98 -4.98 -10.72
C PRO A 127 17.44 -4.41 -12.07
N SER A 128 16.88 -4.91 -13.16
CA SER A 128 17.21 -4.39 -14.49
C SER A 128 16.75 -2.95 -14.64
N LEU A 129 15.56 -2.64 -14.14
CA LEU A 129 15.06 -1.23 -14.18
C LEU A 129 15.96 -0.33 -13.37
N ARG A 130 16.55 -0.82 -12.26
CA ARG A 130 17.39 0.00 -11.47
C ARG A 130 18.63 0.32 -12.25
N LYS A 131 19.17 -0.53 -13.13
CA LYS A 131 20.26 -0.21 -14.02
C LYS A 131 19.85 0.69 -15.17
N GLN A 132 18.64 0.56 -15.66
CA GLN A 132 18.11 1.35 -16.77
C GLN A 132 17.88 2.80 -16.38
N PHE A 133 17.65 3.06 -15.11
CA PHE A 133 17.37 4.40 -14.56
C PHE A 133 18.38 4.75 -13.50
N PRO A 134 19.63 4.89 -13.88
CA PRO A 134 20.68 5.20 -12.93
C PRO A 134 20.59 6.62 -12.43
N GLU A 135 19.70 7.45 -12.92
CA GLU A 135 19.44 8.80 -12.37
C GLU A 135 19.15 8.69 -10.86
N PHE A 136 18.56 7.56 -10.43
CA PHE A 136 18.19 7.43 -9.03
C PHE A 136 19.34 6.96 -8.19
N GLU A 137 20.43 6.52 -8.72
CA GLU A 137 21.50 5.96 -7.86
C GLU A 137 22.02 6.96 -6.87
N GLU A 138 22.22 8.21 -7.25
CA GLU A 138 22.69 9.24 -6.36
C GLU A 138 21.74 9.36 -5.13
N TRP A 139 20.46 9.24 -5.40
CA TRP A 139 19.43 9.49 -4.41
C TRP A 139 19.18 8.28 -3.58
N ASP A 140 19.34 7.09 -4.09
CA ASP A 140 19.41 5.91 -3.24
C ASP A 140 20.54 6.11 -2.24
N GLY A 141 21.72 6.51 -2.69
CA GLY A 141 22.89 6.63 -1.77
C GLY A 141 22.66 7.75 -0.83
N ALA A 142 22.07 8.83 -1.20
CA ALA A 142 21.76 9.98 -0.32
C ALA A 142 20.72 9.52 0.69
N TYR A 143 19.77 8.65 0.31
CA TYR A 143 18.79 8.17 1.30
C TYR A 143 19.52 7.31 2.26
N TYR A 144 20.37 6.40 1.91
CA TYR A 144 21.03 5.53 2.88
C TYR A 144 21.79 6.39 3.89
N GLU A 145 22.42 7.44 3.43
CA GLU A 145 23.16 8.31 4.41
C GLU A 145 22.17 9.10 5.26
N ALA A 146 21.17 9.67 4.76
CA ALA A 146 20.21 10.45 5.51
C ALA A 146 19.54 9.52 6.55
N ALA A 147 19.15 8.33 6.19
CA ALA A 147 18.39 7.45 7.10
C ALA A 147 19.28 6.98 8.19
N GLU A 148 20.59 6.78 8.05
CA GLU A 148 21.40 6.41 9.14
C GLU A 148 21.27 7.46 10.30
N GLN A 149 21.21 8.70 9.99
CA GLN A 149 21.10 9.73 11.01
C GLN A 149 19.61 9.85 11.45
N ASP A 150 18.69 9.81 10.49
CA ASP A 150 17.36 10.14 10.74
C ASP A 150 16.53 9.07 11.40
N LEU A 151 16.85 7.81 11.22
CA LEU A 151 16.22 6.70 11.93
C LEU A 151 16.64 6.83 13.43
N PRO A 152 17.89 7.23 13.78
CA PRO A 152 18.13 7.58 15.21
C PRO A 152 17.39 8.68 15.69
N LEU A 153 17.22 9.78 15.02
CA LEU A 153 16.39 10.86 15.43
C LEU A 153 14.95 10.42 15.64
N LEU A 154 14.45 9.56 14.72
CA LEU A 154 13.10 9.04 14.83
C LEU A 154 12.96 8.19 16.08
N ALA A 155 13.93 7.40 16.36
CA ALA A 155 13.87 6.52 17.56
C ALA A 155 13.88 7.44 18.79
N GLU A 156 14.70 8.48 18.85
CA GLU A 156 14.64 9.35 20.02
C GLU A 156 13.31 10.01 20.11
N HIS A 157 12.59 10.42 19.06
CA HIS A 157 11.31 10.98 19.12
C HIS A 157 10.28 9.94 19.66
N ILE A 158 10.36 8.72 19.21
CA ILE A 158 9.45 7.67 19.62
C ILE A 158 9.72 7.42 21.13
N GLN A 159 10.96 7.37 21.54
CA GLN A 159 11.24 7.08 23.02
C GLN A 159 10.80 8.24 23.84
N SER A 160 10.76 9.47 23.39
CA SER A 160 10.24 10.61 24.06
C SER A 160 8.76 10.68 24.11
N ASN A 161 8.04 9.79 23.40
CA ASN A 161 6.63 9.88 23.26
C ASN A 161 6.09 8.47 23.26
N TRP A 162 6.58 7.57 24.10
CA TRP A 162 6.38 6.18 23.93
C TRP A 162 4.92 5.79 23.85
N GLU A 163 4.09 6.30 24.76
CA GLU A 163 2.73 5.77 24.80
C GLU A 163 1.95 6.19 23.55
N THR A 164 2.22 7.33 22.94
CA THR A 164 1.67 7.74 21.63
C THR A 164 1.84 6.63 20.66
N PHE A 165 3.04 6.11 20.63
CA PHE A 165 3.38 5.19 19.59
C PHE A 165 3.14 3.79 19.85
N ALA A 166 3.15 3.31 21.10
CA ALA A 166 3.02 1.94 21.43
C ALA A 166 1.63 1.40 21.73
N HIS A 167 0.67 2.25 21.57
CA HIS A 167 -0.72 1.87 21.78
C HIS A 167 -1.57 2.48 20.69
N ILE A 168 -2.74 1.90 20.50
CA ILE A 168 -3.86 2.54 19.72
C ILE A 168 -4.74 3.41 20.52
N GLY A 169 -5.00 4.59 20.11
CA GLY A 169 -6.06 5.47 20.68
C GLY A 169 -5.64 6.31 21.84
N GLN A 170 -4.36 6.47 22.12
CA GLN A 170 -3.94 7.19 23.33
C GLN A 170 -3.42 8.61 23.03
N MET B 7 1.20 -22.60 14.02
CA MET B 7 1.88 -23.51 13.08
C MET B 7 1.66 -23.28 11.55
N THR B 8 0.45 -23.04 11.00
CA THR B 8 0.35 -22.63 9.54
C THR B 8 0.70 -21.12 9.42
N ALA B 9 1.19 -20.76 8.22
CA ALA B 9 1.39 -19.37 7.89
C ALA B 9 0.11 -18.53 8.03
N LEU B 10 -0.97 -19.13 7.50
CA LEU B 10 -2.25 -18.42 7.41
C LEU B 10 -3.25 -18.87 8.51
N THR B 11 -3.90 -17.90 9.13
CA THR B 11 -4.88 -18.19 10.17
C THR B 11 -6.24 -18.04 9.50
N LEU B 12 -6.90 -19.15 9.21
CA LEU B 12 -8.17 -19.15 8.51
C LEU B 12 -9.27 -19.87 9.37
N PRO B 13 -10.45 -19.30 9.38
CA PRO B 13 -11.53 -19.99 10.12
C PRO B 13 -11.87 -21.34 9.53
N GLU B 14 -12.33 -22.25 10.41
CA GLU B 14 -12.78 -23.59 9.94
C GLU B 14 -13.79 -23.60 8.75
N ASP B 15 -14.72 -22.68 8.83
CA ASP B 15 -15.82 -22.51 7.88
C ASP B 15 -15.57 -21.57 6.67
N ILE B 16 -14.28 -21.33 6.36
CA ILE B 16 -13.94 -20.31 5.39
C ILE B 16 -14.56 -20.62 4.04
N ARG B 17 -14.59 -21.87 3.65
CA ARG B 17 -15.11 -22.21 2.34
C ARG B 17 -16.62 -22.09 2.17
N GLN B 18 -17.31 -21.93 3.29
CA GLN B 18 -18.71 -21.67 3.26
C GLN B 18 -19.04 -20.20 3.21
N GLN B 19 -18.03 -19.28 3.29
CA GLN B 19 -18.34 -17.88 3.27
C GLN B 19 -18.81 -17.37 1.91
N GLU B 20 -19.60 -16.30 1.94
CA GLU B 20 -20.02 -15.61 0.71
C GLU B 20 -18.86 -14.97 0.02
N PRO B 21 -19.01 -14.52 -1.22
CA PRO B 21 -17.82 -13.99 -1.99
C PRO B 21 -17.09 -12.84 -1.38
N SER B 22 -17.71 -11.80 -0.89
CA SER B 22 -16.94 -10.65 -0.33
C SER B 22 -16.30 -11.05 0.93
N ALA B 23 -16.95 -11.77 1.83
CA ALA B 23 -16.36 -12.21 3.07
C ALA B 23 -15.14 -13.10 2.78
N LEU B 24 -15.26 -14.01 1.83
CA LEU B 24 -14.20 -14.94 1.51
C LEU B 24 -12.95 -14.16 1.07
N LEU B 25 -13.12 -13.22 0.19
CA LEU B 25 -11.96 -12.44 -0.30
C LEU B 25 -11.32 -11.73 0.85
N TYR B 26 -12.06 -11.00 1.65
CA TYR B 26 -11.54 -10.24 2.77
C TYR B 26 -10.93 -11.10 3.81
N THR B 27 -11.46 -12.26 4.06
CA THR B 27 -10.88 -13.18 5.07
C THR B 27 -9.49 -13.68 4.56
N LEU B 28 -9.42 -14.11 3.29
CA LEU B 28 -8.18 -14.58 2.73
C LEU B 28 -7.14 -13.45 2.75
N VAL B 29 -7.46 -12.31 2.24
CA VAL B 29 -6.48 -11.18 2.15
C VAL B 29 -6.05 -10.79 3.53
N SER B 30 -6.95 -10.70 4.48
CA SER B 30 -6.63 -10.41 5.84
C SER B 30 -5.66 -11.45 6.43
N ALA B 31 -5.78 -12.72 6.15
CA ALA B 31 -4.90 -13.77 6.64
C ALA B 31 -3.50 -13.52 5.94
N TYR B 32 -3.48 -13.20 4.66
CA TYR B 32 -2.20 -12.94 4.00
C TYR B 32 -1.50 -11.82 4.70
N LEU B 33 -2.17 -10.73 5.02
CA LEU B 33 -1.61 -9.56 5.61
C LEU B 33 -1.22 -9.70 7.07
N GLU B 34 -1.97 -10.52 7.78
CA GLU B 34 -1.60 -10.88 9.14
C GLU B 34 -0.23 -11.57 9.18
N HIS B 35 -0.12 -12.53 8.24
CA HIS B 35 1.14 -13.30 8.12
C HIS B 35 2.30 -12.39 7.77
N THR B 36 2.11 -11.54 6.75
CA THR B 36 3.20 -10.67 6.33
C THR B 36 3.54 -9.62 7.32
N ALA B 37 2.58 -9.13 8.10
CA ALA B 37 2.93 -8.26 9.21
C ALA B 37 3.78 -8.95 10.25
N GLN B 38 3.42 -10.20 10.56
CA GLN B 38 4.12 -10.96 11.60
C GLN B 38 5.54 -11.24 11.13
N THR B 39 5.81 -11.42 9.84
CA THR B 39 7.14 -11.72 9.39
C THR B 39 7.91 -10.51 8.96
N GLY B 40 7.31 -9.32 8.92
CA GLY B 40 7.98 -8.15 8.36
C GLY B 40 8.11 -8.14 6.85
N ASP B 41 7.35 -8.97 6.14
CA ASP B 41 7.42 -9.07 4.64
C ASP B 41 6.61 -7.95 4.00
N GLU B 42 7.07 -6.72 4.16
CA GLU B 42 6.36 -5.53 3.63
C GLU B 42 6.17 -5.62 2.13
N SER B 43 7.11 -6.19 1.44
CA SER B 43 7.04 -6.32 0.00
C SER B 43 6.11 -7.36 -0.43
N LEU B 44 5.53 -8.19 0.49
CA LEU B 44 4.59 -9.22 0.13
C LEU B 44 5.21 -10.28 -0.76
N SER B 45 6.47 -10.53 -0.53
CA SER B 45 7.27 -11.48 -1.35
C SER B 45 6.79 -12.87 -1.24
N CYS B 46 6.14 -13.25 -0.16
CA CYS B 46 5.67 -14.60 -0.01
C CYS B 46 4.39 -14.91 -0.81
N LEU B 47 3.74 -13.87 -1.32
CA LEU B 47 2.47 -14.05 -2.07
C LEU B 47 2.74 -14.34 -3.52
N SER B 48 1.96 -15.23 -4.05
CA SER B 48 2.02 -15.53 -5.52
C SER B 48 1.37 -14.40 -6.29
N ASP B 49 1.56 -14.42 -7.61
CA ASP B 49 0.92 -13.46 -8.45
C ASP B 49 -0.61 -13.47 -8.26
N ASP B 50 -1.22 -14.65 -8.16
CA ASP B 50 -2.63 -14.81 -7.98
C ASP B 50 -3.09 -14.22 -6.66
N GLN B 51 -2.29 -14.42 -5.59
CA GLN B 51 -2.58 -13.81 -4.29
C GLN B 51 -2.47 -12.29 -4.32
N HIS B 52 -1.53 -11.78 -5.11
CA HIS B 52 -1.44 -10.34 -5.37
C HIS B 52 -2.65 -9.84 -6.11
N THR B 53 -3.22 -10.63 -7.02
CA THR B 53 -4.46 -10.22 -7.70
C THR B 53 -5.56 -10.07 -6.66
N LEU B 54 -5.75 -11.06 -5.78
CA LEU B 54 -6.75 -10.96 -4.73
C LEU B 54 -6.53 -9.77 -3.87
N THR B 55 -5.31 -9.52 -3.46
CA THR B 55 -5.02 -8.42 -2.55
C THR B 55 -5.39 -7.08 -3.18
N ALA B 56 -5.00 -6.89 -4.41
CA ALA B 56 -5.30 -5.69 -5.10
C ALA B 56 -6.81 -5.49 -5.31
N PHE B 57 -7.49 -6.57 -5.69
CA PHE B 57 -8.95 -6.45 -5.84
C PHE B 57 -9.59 -6.09 -4.51
N CYS B 58 -9.15 -6.64 -3.41
CA CYS B 58 -9.69 -6.30 -2.14
C CYS B 58 -9.47 -4.86 -1.77
N TYR B 59 -8.30 -4.29 -2.01
CA TYR B 59 -8.04 -2.89 -1.76
C TYR B 59 -8.84 -2.00 -2.66
N LEU B 60 -8.96 -2.34 -3.93
CA LEU B 60 -9.86 -1.65 -4.80
C LEU B 60 -11.26 -1.55 -4.20
N ASP B 61 -11.76 -2.72 -3.86
CA ASP B 61 -13.14 -2.82 -3.29
C ASP B 61 -13.27 -2.01 -2.06
N SER B 62 -12.37 -2.11 -1.10
CA SER B 62 -12.55 -1.44 0.17
C SER B 62 -12.53 0.00 0.02
N GLN B 63 -11.61 0.54 -0.81
CA GLN B 63 -11.51 1.92 -0.92
C GLN B 63 -12.70 2.56 -1.67
N VAL B 64 -13.09 1.95 -2.78
CA VAL B 64 -14.23 2.48 -3.54
C VAL B 64 -15.50 2.36 -2.69
N GLU B 65 -15.74 1.23 -2.05
CA GLU B 65 -16.95 1.15 -1.22
C GLU B 65 -16.94 2.14 -0.14
N GLU B 66 -15.86 2.44 0.50
CA GLU B 66 -15.78 3.43 1.61
C GLU B 66 -15.93 4.88 1.18
N GLY B 67 -15.23 5.29 0.11
CA GLY B 67 -15.15 6.63 -0.31
C GLY B 67 -14.99 6.97 -1.81
N GLY B 68 -15.26 5.98 -2.60
CA GLY B 68 -15.18 6.13 -4.04
C GLY B 68 -13.76 6.02 -4.57
N PHE B 69 -13.69 6.11 -5.88
CA PHE B 69 -12.36 6.23 -6.53
C PHE B 69 -11.63 7.48 -6.02
N VAL B 70 -12.32 8.58 -5.61
CA VAL B 70 -11.71 9.73 -5.08
C VAL B 70 -10.88 9.36 -3.79
N GLN B 71 -11.51 8.57 -2.88
CA GLN B 71 -10.67 8.13 -1.71
C GLN B 71 -9.44 7.32 -2.15
N LEU B 72 -9.66 6.38 -3.05
CA LEU B 72 -8.58 5.53 -3.58
C LEU B 72 -7.45 6.39 -4.00
N ILE B 73 -7.73 7.45 -4.77
CA ILE B 73 -6.74 8.37 -5.30
C ILE B 73 -6.14 9.17 -4.22
N ALA B 74 -6.96 9.86 -3.40
CA ALA B 74 -6.46 10.75 -2.39
C ALA B 74 -5.55 10.05 -1.39
N SER B 75 -5.85 8.83 -1.03
CA SER B 75 -5.08 8.03 -0.07
C SER B 75 -3.81 7.55 -0.62
N GLY B 76 -3.63 7.59 -1.92
CA GLY B 76 -2.34 7.20 -2.53
C GLY B 76 -2.27 5.88 -3.19
N TYR B 77 -3.35 5.20 -3.53
CA TYR B 77 -3.41 3.91 -4.19
C TYR B 77 -3.31 3.93 -5.71
N GLY B 78 -3.25 5.12 -6.27
CA GLY B 78 -3.38 5.18 -7.74
C GLY B 78 -2.37 4.38 -8.54
N GLU B 79 -1.09 4.39 -8.12
CA GLU B 79 -0.08 3.64 -8.86
C GLU B 79 0.01 2.22 -8.41
N TYR B 80 -0.81 1.73 -7.51
CA TYR B 80 -0.98 0.35 -7.21
C TYR B 80 -2.14 -0.26 -7.97
N ILE B 81 -3.28 0.43 -7.95
CA ILE B 81 -4.51 -0.05 -8.58
C ILE B 81 -4.57 0.16 -10.07
N PHE B 82 -4.21 1.34 -10.52
CA PHE B 82 -4.32 1.68 -11.96
C PHE B 82 -3.06 1.18 -12.70
N ARG B 83 -2.87 -0.11 -12.70
CA ARG B 83 -1.72 -0.77 -13.35
C ARG B 83 -2.28 -1.99 -14.10
N ASN B 84 -1.63 -2.34 -15.19
CA ASN B 84 -2.20 -3.43 -15.99
C ASN B 84 -2.23 -4.76 -15.31
N PRO B 85 -1.32 -5.11 -14.39
CA PRO B 85 -1.39 -6.50 -13.91
C PRO B 85 -2.71 -6.89 -13.28
N LEU B 86 -3.36 -5.99 -12.57
CA LEU B 86 -4.65 -6.29 -11.93
C LEU B 86 -5.73 -6.61 -12.96
N ALA B 87 -5.90 -5.68 -13.88
CA ALA B 87 -6.98 -5.84 -14.90
C ALA B 87 -6.65 -6.98 -15.79
N ASP B 88 -5.39 -7.21 -16.23
CA ASP B 88 -4.99 -8.30 -17.11
C ASP B 88 -5.22 -9.65 -16.40
N SER B 89 -4.90 -9.74 -15.08
CA SER B 89 -5.10 -11.02 -14.41
C SER B 89 -6.56 -11.35 -14.26
N LEU B 90 -7.39 -10.39 -13.92
CA LEU B 90 -8.85 -10.62 -13.83
C LEU B 90 -9.40 -11.03 -15.19
N ARG B 91 -8.99 -10.36 -16.25
CA ARG B 91 -9.45 -10.77 -17.60
C ARG B 91 -9.04 -12.19 -17.90
N ARG B 92 -7.86 -12.66 -17.49
CA ARG B 92 -7.44 -14.04 -17.76
C ARG B 92 -8.41 -15.02 -17.11
N TRP B 93 -9.00 -14.64 -15.99
CA TRP B 93 -9.98 -15.47 -15.25
C TRP B 93 -11.42 -15.24 -15.73
N LYS B 94 -11.55 -14.53 -16.81
CA LYS B 94 -12.82 -14.19 -17.46
C LYS B 94 -13.69 -13.31 -16.62
N ILE B 95 -13.03 -12.40 -15.88
CA ILE B 95 -13.66 -11.37 -15.11
C ILE B 95 -13.36 -10.06 -15.80
N LYS B 96 -14.39 -9.47 -16.38
CA LYS B 96 -14.24 -8.40 -17.35
C LYS B 96 -14.85 -7.09 -16.97
N ALA B 97 -15.90 -7.08 -16.19
CA ALA B 97 -16.66 -5.89 -15.87
C ALA B 97 -15.88 -4.92 -14.99
N VAL B 98 -15.27 -5.43 -13.91
CA VAL B 98 -14.45 -4.51 -13.08
C VAL B 98 -13.26 -3.97 -13.87
N PRO B 99 -12.56 -4.82 -14.67
CA PRO B 99 -11.53 -4.22 -15.54
C PRO B 99 -11.99 -3.08 -16.44
N LYS B 100 -13.17 -3.20 -17.01
CA LYS B 100 -13.69 -2.11 -17.81
C LYS B 100 -13.83 -0.85 -17.02
N VAL B 101 -14.37 -0.96 -15.81
CA VAL B 101 -14.49 0.20 -14.97
C VAL B 101 -13.13 0.82 -14.59
N LEU B 102 -12.17 -0.08 -14.32
CA LEU B 102 -10.86 0.46 -14.03
C LEU B 102 -10.27 1.26 -15.16
N ASP B 103 -10.49 0.83 -16.41
CA ASP B 103 -9.92 1.59 -17.58
C ASP B 103 -10.57 2.93 -17.67
N LYS B 104 -11.88 3.06 -17.44
CA LYS B 104 -12.55 4.33 -17.43
C LYS B 104 -12.13 5.29 -16.31
N ALA B 105 -12.03 4.71 -15.11
CA ALA B 105 -11.58 5.46 -14.02
C ALA B 105 -10.12 5.93 -14.11
N LYS B 106 -9.30 5.07 -14.72
CA LYS B 106 -7.91 5.45 -14.96
C LYS B 106 -7.77 6.71 -15.80
N ALA B 107 -8.67 6.83 -16.81
CA ALA B 107 -8.61 7.99 -17.59
C ALA B 107 -8.91 9.26 -16.88
N LEU B 108 -9.87 9.19 -15.90
CA LEU B 108 -10.18 10.30 -15.09
C LEU B 108 -9.11 10.64 -14.06
N TYR B 109 -8.48 9.54 -13.55
CA TYR B 109 -7.31 9.69 -12.68
C TYR B 109 -6.15 10.43 -13.33
N GLU B 110 -5.94 10.11 -14.64
CA GLU B 110 -4.90 10.85 -15.38
C GLU B 110 -5.23 12.31 -15.49
N GLN B 111 -6.48 12.65 -15.69
CA GLN B 111 -6.92 14.09 -15.80
C GLN B 111 -6.95 14.88 -14.51
N HIS B 112 -7.42 14.18 -13.41
CA HIS B 112 -7.69 14.89 -12.16
C HIS B 112 -6.97 14.42 -10.91
N GLY B 113 -6.21 13.34 -11.07
CA GLY B 113 -5.57 12.77 -9.90
C GLY B 113 -4.59 13.63 -9.27
N LYS B 114 -3.76 14.37 -9.99
CA LYS B 114 -2.80 15.22 -9.39
C LYS B 114 -3.47 16.36 -8.56
N THR B 115 -4.55 16.91 -9.10
CA THR B 115 -5.25 17.92 -8.33
C THR B 115 -5.90 17.35 -7.07
N ILE B 116 -6.51 16.20 -7.22
CA ILE B 116 -7.14 15.56 -6.04
C ILE B 116 -6.09 15.35 -4.96
N GLU B 117 -4.93 14.79 -5.33
CA GLU B 117 -3.88 14.49 -4.36
C GLU B 117 -3.31 15.73 -3.78
N THR B 118 -3.10 16.78 -4.55
CA THR B 118 -2.55 18.03 -4.08
C THR B 118 -3.52 18.68 -3.02
N LEU B 119 -4.80 18.68 -3.42
CA LEU B 119 -5.76 19.25 -2.47
C LEU B 119 -5.79 18.41 -1.22
N ALA B 120 -5.75 17.07 -1.30
CA ALA B 120 -5.74 16.21 -0.12
C ALA B 120 -4.55 16.51 0.73
N ASP B 121 -3.38 16.66 0.14
CA ASP B 121 -2.15 16.97 0.90
C ASP B 121 -2.36 18.30 1.70
N GLY B 122 -3.07 19.25 1.12
CA GLY B 122 -3.28 20.56 1.77
C GLY B 122 -4.46 20.49 2.73
N GLY B 123 -5.01 19.34 3.03
CA GLY B 123 -6.08 19.26 4.05
C GLY B 123 -7.49 19.27 3.52
N ALA B 124 -7.73 19.04 2.29
CA ALA B 124 -9.11 18.85 1.77
C ALA B 124 -9.58 17.53 2.23
N ASP B 125 -10.76 17.45 2.82
CA ASP B 125 -11.28 16.22 3.24
C ASP B 125 -11.85 15.34 2.13
N ILE B 126 -11.83 14.03 2.22
CA ILE B 126 -12.14 13.19 1.10
C ILE B 126 -13.56 13.30 0.76
N PRO B 127 -14.57 13.35 1.69
CA PRO B 127 -15.94 13.52 1.28
C PRO B 127 -16.17 14.79 0.49
N SER B 128 -15.50 15.84 0.83
CA SER B 128 -15.52 17.11 0.10
C SER B 128 -14.93 16.97 -1.29
N LEU B 129 -13.80 16.26 -1.40
CA LEU B 129 -13.23 16.01 -2.71
C LEU B 129 -14.15 15.19 -3.53
N ARG B 130 -14.92 14.25 -3.03
CA ARG B 130 -15.83 13.41 -3.78
C ARG B 130 -16.90 14.32 -4.39
N LYS B 131 -17.34 15.42 -3.72
CA LYS B 131 -18.28 16.39 -4.32
C LYS B 131 -17.63 17.26 -5.29
N GLN B 132 -16.37 17.59 -5.12
CA GLN B 132 -15.64 18.44 -6.06
C GLN B 132 -15.34 17.74 -7.37
N PHE B 133 -15.25 16.44 -7.41
CA PHE B 133 -14.89 15.64 -8.57
C PHE B 133 -15.99 14.64 -8.86
N PRO B 134 -17.23 15.15 -9.19
CA PRO B 134 -18.32 14.29 -9.37
C PRO B 134 -18.33 13.42 -10.60
N GLU B 135 -17.35 13.68 -11.48
CA GLU B 135 -17.13 12.88 -12.67
C GLU B 135 -16.84 11.40 -12.31
N PHE B 136 -16.29 11.14 -11.11
CA PHE B 136 -16.09 9.80 -10.71
C PHE B 136 -17.34 9.04 -10.23
N GLU B 137 -18.43 9.76 -9.95
CA GLU B 137 -19.62 9.11 -9.41
C GLU B 137 -20.17 8.00 -10.30
N GLU B 138 -20.16 8.25 -11.63
CA GLU B 138 -20.61 7.31 -12.60
C GLU B 138 -19.88 5.96 -12.46
N TRP B 139 -18.57 6.12 -12.21
CA TRP B 139 -17.64 5.00 -12.13
C TRP B 139 -17.63 4.27 -10.79
N ASP B 140 -17.83 5.03 -9.76
CA ASP B 140 -18.18 4.46 -8.47
C ASP B 140 -19.41 3.52 -8.56
N GLY B 141 -20.42 4.07 -9.24
CA GLY B 141 -21.67 3.28 -9.38
C GLY B 141 -21.45 2.10 -10.27
N ALA B 142 -20.75 2.29 -11.38
CA ALA B 142 -20.44 1.18 -12.27
C ALA B 142 -19.65 0.06 -11.56
N TYR B 143 -18.75 0.51 -10.68
CA TYR B 143 -18.01 -0.43 -9.88
C TYR B 143 -18.93 -1.27 -8.97
N TYR B 144 -19.79 -0.59 -8.21
CA TYR B 144 -20.74 -1.28 -7.31
C TYR B 144 -21.51 -2.31 -8.15
N GLU B 145 -22.02 -1.93 -9.31
CA GLU B 145 -22.77 -2.94 -10.19
C GLU B 145 -21.79 -4.11 -10.59
N ALA B 146 -20.64 -3.84 -11.09
CA ALA B 146 -19.76 -4.85 -11.66
C ALA B 146 -19.32 -5.82 -10.52
N ALA B 147 -18.98 -5.25 -9.34
CA ALA B 147 -18.64 -5.99 -8.13
C ALA B 147 -19.49 -7.15 -7.67
N GLU B 148 -20.83 -7.10 -7.52
CA GLU B 148 -21.52 -8.34 -7.01
C GLU B 148 -21.28 -9.52 -7.94
N GLN B 149 -21.42 -9.30 -9.23
CA GLN B 149 -21.13 -10.38 -10.19
C GLN B 149 -19.65 -10.82 -10.19
N ASP B 150 -18.74 -9.84 -10.24
CA ASP B 150 -17.35 -10.21 -10.39
C ASP B 150 -16.71 -10.75 -9.11
N LEU B 151 -17.16 -10.34 -7.95
CA LEU B 151 -16.78 -11.01 -6.71
C LEU B 151 -17.24 -12.46 -6.64
N PRO B 152 -18.49 -12.73 -7.17
CA PRO B 152 -18.85 -14.20 -7.29
C PRO B 152 -18.10 -14.98 -8.25
N LEU B 153 -17.69 -14.42 -9.39
CA LEU B 153 -16.80 -15.08 -10.28
C LEU B 153 -15.46 -15.37 -9.62
N LEU B 154 -14.99 -14.33 -8.94
CA LEU B 154 -13.72 -14.48 -8.23
C LEU B 154 -13.79 -15.64 -7.22
N ALA B 155 -14.86 -15.72 -6.46
CA ALA B 155 -15.06 -16.77 -5.47
C ALA B 155 -15.08 -18.17 -6.12
N GLU B 156 -15.72 -18.22 -7.29
CA GLU B 156 -15.75 -19.49 -8.03
C GLU B 156 -14.33 -19.87 -8.39
N HIS B 157 -13.53 -18.87 -8.84
CA HIS B 157 -12.16 -19.12 -9.27
C HIS B 157 -11.34 -19.59 -8.08
N ILE B 158 -11.51 -18.96 -6.94
CA ILE B 158 -10.79 -19.36 -5.76
C ILE B 158 -11.14 -20.79 -5.29
N GLN B 159 -12.46 -21.07 -5.28
CA GLN B 159 -12.92 -22.41 -4.88
C GLN B 159 -12.42 -23.48 -5.84
N SER B 160 -12.26 -23.16 -7.12
CA SER B 160 -11.71 -24.11 -8.12
C SER B 160 -10.24 -24.34 -7.96
N ASN B 161 -9.55 -23.44 -7.23
CA ASN B 161 -8.07 -23.47 -7.16
C ASN B 161 -7.71 -23.32 -5.67
N TRP B 162 -8.38 -24.02 -4.80
CA TRP B 162 -8.31 -23.75 -3.39
C TRP B 162 -6.86 -23.81 -2.88
N GLU B 163 -6.08 -24.81 -3.31
CA GLU B 163 -4.70 -24.94 -2.77
C GLU B 163 -3.79 -23.78 -3.10
N THR B 164 -4.00 -23.13 -4.20
CA THR B 164 -3.27 -21.92 -4.65
C THR B 164 -3.51 -20.82 -3.67
N PHE B 165 -4.75 -20.65 -3.22
CA PHE B 165 -5.11 -19.50 -2.49
C PHE B 165 -5.08 -19.60 -1.02
N ALA B 166 -5.29 -20.80 -0.46
CA ALA B 166 -5.46 -20.96 0.96
C ALA B 166 -4.17 -21.37 1.71
N HIS B 167 -3.03 -21.29 1.01
CA HIS B 167 -1.73 -21.57 1.58
C HIS B 167 -0.72 -20.63 0.99
N ILE B 168 0.42 -20.51 1.67
CA ILE B 168 1.61 -19.83 1.09
C ILE B 168 2.51 -20.86 0.46
N GLY B 169 2.95 -20.63 -0.77
CA GLY B 169 4.05 -21.43 -1.35
C GLY B 169 3.58 -22.67 -2.03
N GLN B 170 2.30 -22.86 -2.23
CA GLN B 170 1.87 -24.10 -2.94
C GLN B 170 1.52 -23.85 -4.42
N ALA B 171 1.34 -22.58 -4.80
CA ALA B 171 1.13 -22.17 -6.21
C ALA B 171 1.06 -20.62 -6.37
CAA O4B C . 27.02 -1.56 -12.95
OAM O4B C . 25.95 -0.80 -12.56
CAC O4B C . 26.25 0.62 -12.77
CAD O4B C . 24.96 1.25 -12.79
OAO O4B C . 24.12 1.45 -11.68
CAG O4B C . 24.36 1.03 -10.62
CAH O4B C . 23.07 1.28 -9.79
OAQ O4B C . 22.70 -0.08 -9.39
CAK O4B C . 22.45 -0.31 -8.08
CAL O4B C . 22.23 -1.77 -7.54
OAR O4B C . 23.54 -2.57 -7.77
CAJ O4B C . 23.50 -3.88 -7.41
CAI O4B C . 24.84 -4.46 -7.80
OAP O4B C . 25.15 -4.29 -9.19
CAF O4B C . 26.41 -4.86 -9.67
CAE O4B C . 26.60 -4.66 -11.09
OAN O4B C . 26.78 -3.29 -11.36
CAB O4B C . 26.82 -3.02 -12.72
CAA O4B D . -3.89 13.45 3.64
OAM O4B D . -2.83 12.84 3.09
CAC O4B D . -3.11 11.99 2.13
CAD O4B D . -2.03 11.36 1.49
OAO O4B D . -1.32 10.60 2.41
CAG O4B D . -0.22 9.97 2.00
CAH O4B D . 0.31 9.14 2.99
OAQ O4B D . 0.90 9.95 4.02
CAK O4B D . 1.45 9.09 5.00
CAL O4B D . 1.94 9.98 6.05
OAR O4B D . 0.85 10.65 6.83
CAJ O4B D . 1.22 11.45 7.88
CAI O4B D . 0.09 12.09 8.48
OAP O4B D . -0.55 12.97 7.57
CAF O4B D . -1.82 13.57 7.95
CAE O4B D . -2.23 14.44 6.80
OAN O4B D . -2.81 13.71 5.87
CAB O4B D . -3.45 14.37 4.70
C1 EDO E . 0.86 14.94 -5.90
O1 EDO E . 2.21 14.91 -6.41
C2 EDO E . 0.71 15.63 -4.60
O2 EDO E . 1.66 15.26 -3.58
S SO4 F . -3.31 -1.27 22.93
O1 SO4 F . -2.68 -1.03 24.30
O2 SO4 F . -4.60 -1.93 23.10
O3 SO4 F . -2.34 -2.05 22.19
O4 SO4 F . -3.62 -0.03 22.27
CAA O4B G . -0.36 -3.89 0.26
OAM O4B G . -1.48 -3.46 1.24
CAC O4B G . -0.82 -4.25 2.25
CAD O4B G . -0.67 -3.60 3.55
OAO O4B G . -0.39 -2.36 3.46
CAG O4B G . -0.11 -1.55 4.68
CAH O4B G . 0.59 -0.28 4.34
OAQ O4B G . -0.50 0.68 3.92
CAK O4B G . 0.23 1.83 3.85
CAL O4B G . -0.53 2.50 2.86
OAR O4B G . 0.22 2.06 1.59
CAJ O4B G . -0.78 2.59 0.77
CAI O4B G . -0.44 2.08 -0.62
OAP O4B G . 0.01 0.70 -0.49
CAF O4B G . 0.24 0.24 -1.89
CAE O4B G . 0.02 -1.31 -1.81
OAN O4B G . -1.12 -1.87 -1.16
CAB O4B G . -0.48 -3.28 -1.10
CAA O4B H . 2.91 -3.36 -10.32
OAM O4B H . 2.01 -4.07 -9.59
CAC O4B H . 0.91 -3.35 -9.22
CAD O4B H . 0.03 -4.15 -8.38
OAO O4B H . -0.40 -5.31 -9.09
CAG O4B H . -1.26 -6.15 -8.24
CAH O4B H . -1.75 -7.20 -8.99
OAQ O4B H . -0.65 -8.12 -9.32
CAK O4B H . -0.95 -9.29 -10.10
CAL O4B H . 0.24 -10.04 -10.43
OAR O4B H . 1.12 -9.36 -11.28
CAJ O4B H . 2.27 -10.04 -11.71
CAI O4B H . 2.92 -9.04 -12.64
OAP O4B H . 3.53 -8.07 -11.93
CAF O4B H . 4.40 -7.10 -12.67
CAE O4B H . 4.78 -6.00 -11.86
OAN O4B H . 3.76 -5.27 -11.48
CAB O4B H . 3.99 -4.11 -10.81
CAA O4B I . 0.25 12.93 -9.23
OAM O4B I . -0.22 11.96 -9.82
CAC O4B I . -0.99 12.25 -10.64
CAD O4B I . -2.02 11.28 -10.55
OAO O4B I . -2.31 10.88 -11.85
CAG O4B I . -1.37 9.90 -12.11
CAH O4B I . -1.32 9.19 -13.50
OAQ O4B I . 0.17 8.78 -13.79
CAK O4B I . 0.88 7.52 -13.99
CAL O4B I . 2.34 7.70 -13.92
OAR O4B I . 2.77 7.64 -12.67
CAJ O4B I . 4.13 7.85 -12.33
CAI O4B I . 4.64 9.30 -12.10
OAP O4B I . 3.78 10.08 -11.36
CAF O4B I . 4.22 11.36 -11.10
CAE O4B I . 3.48 12.08 -10.10
OAN O4B I . 2.21 12.37 -10.53
CAB O4B I . 1.53 13.31 -9.74
CAA O4B J . -21.29 13.14 -5.89
OAM O4B J . -22.52 13.64 -5.59
CAC O4B J . -22.72 14.88 -6.08
CAD O4B J . -23.99 15.29 -5.59
OAO O4B J . -24.00 15.67 -4.09
CAG O4B J . -25.23 16.22 -3.68
CAH O4B J . -25.21 16.21 -2.14
OAQ O4B J . -25.31 14.89 -1.63
CAK O4B J . -25.33 14.83 -0.31
CAL O4B J . -25.34 13.42 0.15
OAR O4B J . -24.03 12.85 -0.20
CAJ O4B J . -24.05 11.57 0.24
CAI O4B J . -22.76 10.89 -0.05
OAP O4B J . -22.54 10.89 -1.47
CAF O4B J . -21.20 10.52 -1.89
CAE O4B J . -21.34 10.45 -3.42
OAN O4B J . -21.21 11.66 -3.89
CAB O4B J . -21.35 11.77 -5.33
C1 EDO K . 1.50 2.19 -15.80
O1 EDO K . 0.41 1.27 -15.45
C2 EDO K . 1.37 3.62 -15.39
O2 EDO K . 0.13 4.28 -15.63
S SO4 L . 0.20 -22.46 5.15
O1 SO4 L . -0.42 -23.78 4.81
O2 SO4 L . 1.26 -22.72 6.14
O3 SO4 L . -0.83 -21.49 5.65
O4 SO4 L . 0.91 -21.96 3.93
O1 TLA M . -13.37 21.25 1.12
O11 TLA M . -14.03 22.95 -0.20
C1 TLA M . -13.16 22.35 0.52
C2 TLA M . -11.82 22.92 0.76
O2 TLA M . -11.76 24.19 0.09
C3 TLA M . -10.73 21.94 0.25
O3 TLA M . -11.02 21.53 -1.14
C4 TLA M . -9.38 22.56 0.44
O4 TLA M . -8.91 22.66 1.59
O41 TLA M . -8.70 22.92 -0.58
#